data_4ZFB
#
_entry.id   4ZFB
#
_cell.length_a   55.679
_cell.length_b   55.679
_cell.length_c   707.577
_cell.angle_alpha   90.00
_cell.angle_beta   90.00
_cell.angle_gamma   120.00
#
_symmetry.space_group_name_H-M   'P 65 2 2'
#
loop_
_entity.id
_entity.type
_entity.pdbx_description
1 polymer 'Bifunctional P-450/NADPH-P450 reductase'
2 non-polymer 'PROTOPORPHYRIN IX CONTAINING FE'
3 non-polymer 'PALMITIC ACID'
4 non-polymer 1,2-ETHANEDIOL
5 non-polymer 'NICKEL (II) ION'
6 water water
#
_entity_poly.entity_id   1
_entity_poly.type   'polypeptide(L)'
_entity_poly.pdbx_seq_one_letter_code
;MTIKEMPQPKTFGELKNLPLLNTDKPVQALMKIADELGEIFKFEAPGLVTRYLSSQRLIKEACDESRFDKNLSQALKFVR
DIAGDGLVTSWTHEKNWKKAHNILLPSFSQQAMKGYHAMMVDIAVQLVQKWERLNADEHIEVPEDMTRLTLDTIGLCGFN
YRFNSFYRDQPHPFITSMVRALDEAMNKQQRANPDDPAYDENKRQFQEDIKVMNDLVDKIIADRKASGEQSDDLLTHMLN
GKDPETGEPLDDENIRYQIITFLIAGHVTTSGLLSFALYFLVKNPHVLQKAAEEAARVLVDPVPSYKQVKQLKYVGMVLN
EALRLWPTAPAFSLYAKEDTVLGGEYPLEKGDELMVLIPQLHRDKTIWGDDVEEFRPERFENPSAIPQHAFKPFGNGQRA
CIGQQFALHEATLVLGMMLKHFDFEDHTNYELDIKETLTLKPEGFVVKAKSKKIPLGGIPSTHHHHHH
;
_entity_poly.pdbx_strand_id   A
#
loop_
_chem_comp.id
_chem_comp.type
_chem_comp.name
_chem_comp.formula
EDO non-polymer 1,2-ETHANEDIOL 'C2 H6 O2'
HEM non-polymer 'PROTOPORPHYRIN IX CONTAINING FE' 'C34 H32 Fe N4 O4'
NI non-polymer 'NICKEL (II) ION' 'Ni 2'
PLM non-polymer 'PALMITIC ACID' 'C16 H32 O2'
#
# COMPACT_ATOMS: atom_id res chain seq x y z
N THR A 2 -14.85 15.55 -30.55
CA THR A 2 -13.69 16.38 -30.81
C THR A 2 -12.41 15.63 -30.48
N ILE A 3 -11.39 15.78 -31.33
CA ILE A 3 -10.09 15.21 -31.05
C ILE A 3 -9.13 16.31 -30.63
N LYS A 4 -8.51 16.16 -29.46
CA LYS A 4 -7.53 17.10 -28.97
C LYS A 4 -6.13 16.50 -28.92
N GLU A 5 -5.12 17.35 -29.08
CA GLU A 5 -3.74 16.89 -28.96
C GLU A 5 -3.33 16.87 -27.50
N MET A 6 -2.50 15.90 -27.14
CA MET A 6 -2.07 15.72 -25.75
C MET A 6 -0.83 16.54 -25.42
N PRO A 7 -0.88 17.29 -24.31
CA PRO A 7 0.29 18.06 -23.87
C PRO A 7 1.41 17.13 -23.43
N GLN A 8 2.64 17.55 -23.64
CA GLN A 8 3.80 16.74 -23.30
C GLN A 8 4.86 17.60 -22.64
N PRO A 9 5.38 17.14 -21.49
CA PRO A 9 6.42 17.89 -20.77
C PRO A 9 7.73 17.95 -21.55
N LYS A 10 8.76 18.51 -20.93
CA LYS A 10 10.04 18.76 -21.60
C LYS A 10 10.67 17.48 -22.18
N THR A 11 11.03 17.55 -23.45
CA THR A 11 11.71 16.45 -24.12
C THR A 11 13.22 16.72 -24.17
N PHE A 12 14.01 15.70 -23.82
CA PHE A 12 15.46 15.84 -23.82
C PHE A 12 16.09 14.97 -24.91
N GLY A 13 15.67 15.18 -26.15
CA GLY A 13 16.24 14.46 -27.27
C GLY A 13 15.79 13.01 -27.35
N GLU A 14 16.75 12.10 -27.27
CA GLU A 14 16.47 10.67 -27.43
C GLU A 14 16.03 10.02 -26.12
N LEU A 15 16.37 10.65 -25.00
CA LEU A 15 15.92 10.17 -23.70
C LEU A 15 14.48 10.63 -23.44
N LYS A 16 13.99 11.47 -24.35
CA LYS A 16 12.63 12.02 -24.27
C LYS A 16 12.37 12.68 -22.92
N ASN A 17 11.38 12.18 -22.19
CA ASN A 17 11.01 12.75 -20.90
C ASN A 17 11.76 12.14 -19.72
N LEU A 18 12.50 11.06 -19.97
CA LEU A 18 13.13 10.29 -18.90
C LEU A 18 14.01 11.10 -17.92
N PRO A 19 14.79 12.08 -18.41
CA PRO A 19 15.59 12.87 -17.44
C PRO A 19 14.75 13.69 -16.47
N LEU A 20 13.46 13.87 -16.74
CA LEU A 20 12.58 14.58 -15.83
C LEU A 20 12.41 13.83 -14.52
N LEU A 21 12.65 12.52 -14.56
CA LEU A 21 12.48 11.68 -13.37
C LEU A 21 13.81 11.39 -12.68
N ASN A 22 14.82 12.22 -12.94
CA ASN A 22 16.09 12.10 -12.22
C ASN A 22 15.96 12.68 -10.82
N THR A 23 15.09 12.07 -10.04
CA THR A 23 14.82 12.47 -8.66
C THR A 23 14.48 11.23 -7.85
N ASP A 24 14.78 11.26 -6.56
CA ASP A 24 14.42 10.14 -5.70
C ASP A 24 12.98 10.31 -5.21
N LYS A 25 12.27 11.25 -5.82
CA LYS A 25 10.85 11.45 -5.56
C LYS A 25 10.08 11.63 -6.88
N PRO A 26 9.94 10.53 -7.64
CA PRO A 26 9.33 10.58 -8.98
C PRO A 26 7.82 10.86 -9.00
N VAL A 27 7.05 10.20 -8.14
CA VAL A 27 5.61 10.41 -8.09
C VAL A 27 5.29 11.88 -7.81
N GLN A 28 6.00 12.45 -6.86
CA GLN A 28 5.82 13.85 -6.48
C GLN A 28 6.24 14.78 -7.60
N ALA A 29 7.17 14.33 -8.45
CA ALA A 29 7.59 15.10 -9.61
C ALA A 29 6.50 15.07 -10.68
N LEU A 30 5.85 13.92 -10.82
CA LEU A 30 4.76 13.77 -11.77
C LEU A 30 3.55 14.58 -11.35
N MET A 31 3.43 14.81 -10.04
CA MET A 31 2.38 15.68 -9.52
C MET A 31 2.66 17.13 -9.90
N LYS A 32 3.94 17.52 -9.83
CA LYS A 32 4.35 18.85 -10.24
C LYS A 32 4.07 19.07 -11.73
N ILE A 33 4.30 18.04 -12.52
CA ILE A 33 4.05 18.08 -13.96
C ILE A 33 2.56 18.17 -14.25
N ALA A 34 1.79 17.33 -13.57
CA ALA A 34 0.34 17.28 -13.75
C ALA A 34 -0.32 18.62 -13.43
N ASP A 35 0.29 19.37 -12.53
CA ASP A 35 -0.23 20.69 -12.17
C ASP A 35 -0.09 21.68 -13.33
N GLU A 36 0.95 21.50 -14.13
CA GLU A 36 1.26 22.45 -15.20
C GLU A 36 0.65 22.07 -16.54
N LEU A 37 0.19 20.82 -16.66
CA LEU A 37 -0.33 20.35 -17.94
C LEU A 37 -1.79 19.94 -17.88
N GLY A 38 -2.26 19.57 -16.69
CA GLY A 38 -3.67 19.32 -16.49
C GLY A 38 -4.10 17.87 -16.34
N GLU A 39 -5.27 17.57 -16.87
CA GLU A 39 -5.94 16.27 -16.67
C GLU A 39 -5.16 15.10 -17.26
N ILE A 40 -4.41 15.34 -18.32
CA ILE A 40 -3.67 14.28 -18.99
C ILE A 40 -2.43 14.82 -19.69
N PHE A 41 -1.36 14.02 -19.69
CA PHE A 41 -0.18 14.36 -20.46
C PHE A 41 0.56 13.08 -20.87
N LYS A 42 1.26 13.15 -22.01
CA LYS A 42 2.01 12.02 -22.54
C LYS A 42 3.43 12.01 -21.99
N PHE A 43 3.85 10.85 -21.50
CA PHE A 43 5.22 10.69 -21.01
C PHE A 43 5.98 9.69 -21.87
N GLU A 44 7.11 10.12 -22.42
CA GLU A 44 7.91 9.25 -23.27
C GLU A 44 9.24 8.89 -22.63
N ALA A 45 9.59 7.60 -22.70
CA ALA A 45 10.90 7.12 -22.29
C ALA A 45 11.46 6.33 -23.46
N PRO A 46 12.77 5.99 -23.42
CA PRO A 46 13.28 5.12 -24.49
C PRO A 46 12.50 3.81 -24.63
N GLY A 47 11.93 3.60 -25.81
CA GLY A 47 11.20 2.38 -26.10
C GLY A 47 9.77 2.35 -25.60
N LEU A 48 9.49 3.10 -24.53
CA LEU A 48 8.18 3.07 -23.89
C LEU A 48 7.48 4.42 -23.89
N VAL A 49 6.16 4.40 -24.05
CA VAL A 49 5.34 5.60 -23.92
C VAL A 49 4.13 5.30 -23.02
N THR A 50 3.71 6.29 -22.24
CA THR A 50 2.58 6.13 -21.34
C THR A 50 1.85 7.46 -21.13
N ARG A 51 0.60 7.38 -20.67
CA ARG A 51 -0.22 8.58 -20.49
C ARG A 51 -0.75 8.67 -19.07
N TYR A 52 -0.37 9.74 -18.38
CA TYR A 52 -0.76 9.95 -16.99
C TYR A 52 -2.09 10.69 -16.88
N LEU A 53 -2.95 10.22 -16.00
CA LEU A 53 -4.28 10.79 -15.83
C LEU A 53 -4.45 11.41 -14.44
N SER A 54 -5.17 12.53 -14.38
CA SER A 54 -5.32 13.26 -13.13
C SER A 54 -6.76 13.62 -12.80
N SER A 55 -7.62 13.60 -13.82
CA SER A 55 -9.01 14.02 -13.63
C SER A 55 -9.96 12.86 -13.41
N GLN A 56 -10.94 13.07 -12.53
CA GLN A 56 -11.97 12.08 -12.27
C GLN A 56 -12.73 11.74 -13.56
N ARG A 57 -12.92 12.75 -14.40
CA ARG A 57 -13.62 12.59 -15.66
C ARG A 57 -12.98 11.52 -16.54
N LEU A 58 -11.69 11.67 -16.79
CA LEU A 58 -10.95 10.72 -17.62
C LEU A 58 -10.74 9.39 -16.92
N ILE A 59 -10.37 9.44 -15.64
CA ILE A 59 -10.02 8.25 -14.89
C ILE A 59 -11.22 7.33 -14.68
N LYS A 60 -12.42 7.92 -14.58
CA LYS A 60 -13.63 7.12 -14.42
C LYS A 60 -13.94 6.34 -15.70
N GLU A 61 -13.49 6.86 -16.83
CA GLU A 61 -13.60 6.12 -18.09
C GLU A 61 -12.55 5.02 -18.11
N ALA A 62 -11.40 5.31 -17.50
CA ALA A 62 -10.28 4.37 -17.49
C ALA A 62 -10.60 3.13 -16.68
N CYS A 63 -11.48 3.27 -15.69
CA CYS A 63 -11.84 2.17 -14.81
C CYS A 63 -12.92 1.27 -15.42
N ASP A 64 -13.34 1.59 -16.64
CA ASP A 64 -14.25 0.73 -17.38
C ASP A 64 -13.53 -0.55 -17.78
N GLU A 65 -13.81 -1.63 -17.07
CA GLU A 65 -13.17 -2.92 -17.33
C GLU A 65 -13.45 -3.41 -18.74
N SER A 66 -14.57 -2.97 -19.32
CA SER A 66 -14.91 -3.33 -20.68
C SER A 66 -13.92 -2.74 -21.67
N ARG A 67 -13.49 -1.52 -21.42
CA ARG A 67 -12.60 -0.81 -22.33
C ARG A 67 -11.13 -0.97 -21.94
N PHE A 68 -10.86 -1.12 -20.66
CA PHE A 68 -9.48 -1.15 -20.16
C PHE A 68 -9.21 -2.29 -19.18
N ASP A 69 -8.06 -2.93 -19.36
CA ASP A 69 -7.61 -4.00 -18.47
C ASP A 69 -6.34 -3.53 -17.74
N LYS A 70 -5.99 -4.20 -16.65
CA LYS A 70 -4.81 -3.83 -15.89
C LYS A 70 -3.52 -4.05 -16.68
N ASN A 71 -2.72 -3.00 -16.81
CA ASN A 71 -1.40 -3.09 -17.39
C ASN A 71 -0.32 -3.23 -16.32
N LEU A 72 0.77 -3.88 -16.65
CA LEU A 72 1.92 -3.94 -15.76
C LEU A 72 2.82 -2.75 -16.04
N SER A 73 2.96 -1.88 -15.05
CA SER A 73 3.88 -0.75 -15.12
C SER A 73 5.29 -1.24 -15.40
N GLN A 74 6.16 -0.35 -15.88
CA GLN A 74 7.56 -0.71 -16.00
C GLN A 74 8.10 -0.98 -14.59
N ALA A 75 7.51 -0.29 -13.62
CA ALA A 75 7.80 -0.56 -12.21
C ALA A 75 7.45 -2.01 -11.88
N LEU A 76 6.22 -2.40 -12.16
CA LEU A 76 5.72 -3.74 -11.84
C LEU A 76 6.47 -4.84 -12.59
N LYS A 77 6.88 -4.55 -13.83
CA LYS A 77 7.68 -5.50 -14.60
C LYS A 77 9.00 -5.78 -13.90
N PHE A 78 9.48 -4.80 -13.15
CA PHE A 78 10.71 -4.95 -12.38
C PHE A 78 10.46 -5.64 -11.05
N VAL A 79 9.34 -5.29 -10.41
CA VAL A 79 8.96 -5.94 -9.15
C VAL A 79 8.67 -7.41 -9.42
N ARG A 80 8.32 -7.71 -10.66
CA ARG A 80 8.09 -9.08 -11.11
C ARG A 80 9.35 -9.94 -10.91
N ASP A 81 10.51 -9.31 -10.93
CA ASP A 81 11.76 -10.03 -10.67
C ASP A 81 11.84 -10.43 -9.21
N ILE A 82 11.07 -9.75 -8.37
CA ILE A 82 11.01 -10.08 -6.95
C ILE A 82 9.86 -11.04 -6.65
N ALA A 83 8.67 -10.66 -7.14
CA ALA A 83 7.44 -11.35 -6.76
C ALA A 83 6.93 -12.33 -7.82
N GLY A 84 7.70 -12.50 -8.90
CA GLY A 84 7.30 -13.42 -9.96
C GLY A 84 5.94 -13.08 -10.54
N ASP A 85 5.15 -14.12 -10.82
CA ASP A 85 3.79 -13.90 -11.29
C ASP A 85 2.79 -14.07 -10.15
N GLY A 86 3.02 -13.34 -9.05
CA GLY A 86 2.08 -13.30 -7.94
C GLY A 86 0.90 -12.40 -8.29
N LEU A 87 -0.08 -12.33 -7.39
CA LEU A 87 -1.31 -11.60 -7.63
C LEU A 87 -1.10 -10.15 -8.07
N VAL A 88 -0.08 -9.51 -7.54
CA VAL A 88 0.19 -8.11 -7.84
C VAL A 88 0.85 -7.91 -9.21
N THR A 89 1.87 -8.72 -9.50
CA THR A 89 2.66 -8.53 -10.70
C THR A 89 2.31 -9.51 -11.82
N SER A 90 1.06 -9.98 -11.83
CA SER A 90 0.60 -10.89 -12.88
C SER A 90 -0.21 -10.16 -13.95
N TRP A 91 -0.17 -10.70 -15.16
CA TRP A 91 -1.09 -10.27 -16.21
C TRP A 91 -2.45 -10.90 -15.93
N THR A 92 -3.51 -10.18 -16.30
CA THR A 92 -4.86 -10.71 -16.16
C THR A 92 -5.03 -11.94 -17.06
N HIS A 93 -4.37 -11.92 -18.20
CA HIS A 93 -4.46 -13.02 -19.16
C HIS A 93 -3.58 -14.20 -18.76
N GLU A 94 -2.67 -13.99 -17.81
CA GLU A 94 -1.85 -15.09 -17.28
C GLU A 94 -2.75 -16.06 -16.55
N LYS A 95 -2.42 -17.35 -16.64
CA LYS A 95 -3.30 -18.40 -16.13
C LYS A 95 -3.04 -18.66 -14.65
N ASN A 96 -2.07 -17.97 -14.07
CA ASN A 96 -1.79 -18.11 -12.65
C ASN A 96 -2.46 -17.04 -11.79
N TRP A 97 -3.05 -16.03 -12.44
CA TRP A 97 -3.76 -15.00 -11.69
C TRP A 97 -5.11 -15.49 -11.19
N LYS A 98 -6.01 -15.78 -12.12
CA LYS A 98 -7.35 -16.27 -11.81
C LYS A 98 -7.28 -17.46 -10.86
N LYS A 99 -6.34 -18.34 -11.17
CA LYS A 99 -6.07 -19.52 -10.35
C LYS A 99 -5.85 -19.13 -8.89
N ALA A 100 -4.80 -18.35 -8.64
CA ALA A 100 -4.47 -17.93 -7.29
C ALA A 100 -5.53 -17.00 -6.73
N HIS A 101 -6.26 -16.31 -7.61
CA HIS A 101 -7.32 -15.42 -7.18
C HIS A 101 -8.49 -16.20 -6.58
N ASN A 102 -8.95 -17.21 -7.30
CA ASN A 102 -10.05 -18.04 -6.83
C ASN A 102 -9.66 -18.88 -5.62
N ILE A 103 -8.37 -19.24 -5.55
CA ILE A 103 -7.86 -20.03 -4.42
C ILE A 103 -7.78 -19.19 -3.15
N LEU A 104 -7.35 -17.95 -3.27
CA LEU A 104 -7.01 -17.14 -2.10
C LEU A 104 -8.07 -16.11 -1.69
N LEU A 105 -8.99 -15.77 -2.58
CA LEU A 105 -10.04 -14.79 -2.27
C LEU A 105 -10.84 -15.10 -0.99
N PRO A 106 -11.13 -16.38 -0.70
CA PRO A 106 -11.77 -16.69 0.58
C PRO A 106 -11.01 -16.20 1.82
N SER A 107 -9.69 -16.09 1.73
CA SER A 107 -8.89 -15.67 2.88
C SER A 107 -9.17 -14.23 3.31
N PHE A 108 -9.94 -13.51 2.49
CA PHE A 108 -10.30 -12.14 2.82
C PHE A 108 -11.81 -11.97 2.85
N SER A 109 -12.52 -13.08 3.05
CA SER A 109 -13.95 -13.04 3.25
C SER A 109 -14.26 -12.44 4.62
N GLN A 110 -15.54 -12.22 4.89
CA GLN A 110 -15.95 -11.62 6.15
C GLN A 110 -15.68 -12.54 7.34
N GLN A 111 -15.92 -13.84 7.14
CA GLN A 111 -15.70 -14.81 8.22
C GLN A 111 -14.22 -15.05 8.45
N ALA A 112 -13.41 -14.83 7.41
CA ALA A 112 -11.97 -14.93 7.53
C ALA A 112 -11.43 -13.77 8.36
N MET A 113 -11.94 -12.58 8.07
CA MET A 113 -11.51 -11.36 8.76
C MET A 113 -11.70 -11.44 10.27
N LYS A 114 -12.75 -12.12 10.71
CA LYS A 114 -13.05 -12.24 12.14
C LYS A 114 -12.00 -13.08 12.85
N GLY A 115 -11.38 -13.99 12.11
CA GLY A 115 -10.34 -14.83 12.67
C GLY A 115 -9.04 -14.07 12.85
N TYR A 116 -8.82 -13.07 11.98
CA TYR A 116 -7.60 -12.28 12.00
C TYR A 116 -7.55 -11.30 13.16
N HIS A 117 -8.72 -10.90 13.66
CA HIS A 117 -8.82 -9.85 14.67
C HIS A 117 -8.01 -10.16 15.93
N ALA A 118 -8.20 -11.35 16.49
CA ALA A 118 -7.53 -11.75 17.71
C ALA A 118 -6.01 -11.68 17.57
N MET A 119 -5.51 -11.98 16.38
CA MET A 119 -4.08 -11.89 16.10
C MET A 119 -3.65 -10.45 15.80
N MET A 120 -4.55 -9.67 15.18
CA MET A 120 -4.30 -8.25 14.96
C MET A 120 -4.11 -7.53 16.28
N VAL A 121 -4.88 -7.95 17.29
CA VAL A 121 -4.80 -7.38 18.61
C VAL A 121 -3.49 -7.77 19.28
N ASP A 122 -3.06 -9.01 19.05
CA ASP A 122 -1.83 -9.54 19.64
C ASP A 122 -0.63 -8.64 19.35
N ILE A 123 -0.48 -8.26 18.10
CA ILE A 123 0.63 -7.40 17.68
C ILE A 123 0.34 -5.95 18.07
N ALA A 124 -0.94 -5.57 18.06
CA ALA A 124 -1.34 -4.24 18.48
C ALA A 124 -0.99 -4.01 19.95
N VAL A 125 -1.20 -5.03 20.77
CA VAL A 125 -0.85 -4.98 22.19
C VAL A 125 0.64 -4.71 22.36
N GLN A 126 1.45 -5.38 21.53
CA GLN A 126 2.89 -5.26 21.60
C GLN A 126 3.38 -3.85 21.26
N LEU A 127 2.76 -3.22 20.27
CA LEU A 127 3.11 -1.85 19.91
C LEU A 127 2.79 -0.89 21.04
N VAL A 128 1.56 -1.00 21.56
CA VAL A 128 1.10 -0.15 22.65
C VAL A 128 2.03 -0.27 23.85
N GLN A 129 2.38 -1.50 24.19
CA GLN A 129 3.22 -1.76 25.35
C GLN A 129 4.68 -1.34 25.15
N LYS A 130 5.12 -1.22 23.90
CA LYS A 130 6.46 -0.70 23.64
C LYS A 130 6.52 0.77 24.00
N TRP A 131 5.52 1.52 23.55
CA TRP A 131 5.43 2.95 23.81
C TRP A 131 5.15 3.21 25.28
N GLU A 132 4.47 2.27 25.93
CA GLU A 132 4.16 2.38 27.36
C GLU A 132 5.42 2.24 28.21
N ARG A 133 6.46 1.64 27.64
CA ARG A 133 7.67 1.32 28.39
C ARG A 133 8.86 2.17 28.00
N LEU A 134 8.62 3.20 27.19
CA LEU A 134 9.69 4.13 26.84
C LEU A 134 10.02 5.04 28.02
N ASN A 135 11.28 5.42 28.14
CA ASN A 135 11.69 6.37 29.16
C ASN A 135 11.31 7.79 28.77
N ALA A 136 11.54 8.75 29.67
CA ALA A 136 11.05 10.11 29.48
C ALA A 136 11.68 10.82 28.29
N ASP A 137 12.97 10.57 28.05
CA ASP A 137 13.72 11.34 27.07
C ASP A 137 13.80 10.68 25.69
N GLU A 138 12.76 9.93 25.33
CA GLU A 138 12.86 9.11 24.12
C GLU A 138 11.87 9.50 23.04
N HIS A 139 12.34 9.43 21.79
CA HIS A 139 11.53 9.75 20.62
C HIS A 139 10.95 8.48 20.01
N ILE A 140 9.74 8.58 19.47
CA ILE A 140 9.14 7.45 18.76
C ILE A 140 9.33 7.59 17.25
N GLU A 141 10.20 6.75 16.69
CA GLU A 141 10.37 6.68 15.25
C GLU A 141 9.12 6.03 14.64
N VAL A 142 8.20 6.85 14.16
CA VAL A 142 6.86 6.39 13.77
C VAL A 142 6.86 5.37 12.62
N PRO A 143 7.43 5.72 11.44
CA PRO A 143 7.30 4.75 10.33
C PRO A 143 8.06 3.46 10.59
N GLU A 144 9.05 3.51 11.47
CA GLU A 144 9.84 2.35 11.81
C GLU A 144 9.05 1.38 12.68
N ASP A 145 8.29 1.92 13.63
CA ASP A 145 7.47 1.11 14.51
C ASP A 145 6.20 0.63 13.80
N MET A 146 5.69 1.44 12.88
CA MET A 146 4.53 1.05 12.09
C MET A 146 4.86 -0.11 11.16
N THR A 147 6.10 -0.13 10.67
CA THR A 147 6.56 -1.23 9.84
C THR A 147 6.64 -2.51 10.67
N ARG A 148 7.10 -2.39 11.91
CA ARG A 148 7.18 -3.51 12.85
C ARG A 148 5.80 -4.11 13.09
N LEU A 149 4.81 -3.22 13.21
CA LEU A 149 3.44 -3.60 13.50
C LEU A 149 2.80 -4.35 12.35
N THR A 150 2.92 -3.80 11.15
CA THR A 150 2.19 -4.33 9.99
C THR A 150 2.84 -5.59 9.42
N LEU A 151 4.15 -5.74 9.61
CA LEU A 151 4.83 -6.94 9.15
C LEU A 151 4.45 -8.15 9.99
N ASP A 152 4.48 -7.97 11.31
CA ASP A 152 4.13 -9.04 12.23
C ASP A 152 2.66 -9.44 12.08
N THR A 153 1.82 -8.47 11.76
CA THR A 153 0.39 -8.72 11.62
C THR A 153 0.12 -9.67 10.46
N ILE A 154 0.59 -9.32 9.27
CA ILE A 154 0.41 -10.17 8.10
C ILE A 154 1.19 -11.47 8.25
N GLY A 155 2.34 -11.39 8.92
CA GLY A 155 3.17 -12.57 9.15
C GLY A 155 2.48 -13.57 10.05
N LEU A 156 1.69 -13.07 10.99
CA LEU A 156 0.97 -13.94 11.92
C LEU A 156 -0.39 -14.34 11.37
N CYS A 157 -1.16 -13.37 10.90
CA CYS A 157 -2.50 -13.64 10.37
C CYS A 157 -2.43 -14.52 9.13
N GLY A 158 -1.49 -14.23 8.25
CA GLY A 158 -1.42 -14.89 6.96
C GLY A 158 -0.59 -16.15 6.91
N PHE A 159 0.34 -16.32 7.85
CA PHE A 159 1.27 -17.44 7.78
C PHE A 159 1.57 -18.09 9.13
N ASN A 160 0.98 -17.57 10.21
CA ASN A 160 1.22 -18.07 11.56
C ASN A 160 2.71 -18.07 11.90
N TYR A 161 3.42 -17.08 11.38
CA TYR A 161 4.85 -16.92 11.62
C TYR A 161 5.14 -15.60 12.31
N ARG A 162 5.84 -15.66 13.42
CA ARG A 162 6.12 -14.44 14.20
C ARG A 162 7.49 -13.86 13.89
N PHE A 163 7.50 -12.72 13.21
CA PHE A 163 8.73 -12.00 12.93
C PHE A 163 9.35 -11.47 14.20
N ASN A 164 8.51 -11.24 15.21
CA ASN A 164 8.93 -10.69 16.50
C ASN A 164 9.73 -9.40 16.31
N SER A 165 9.14 -8.46 15.56
CA SER A 165 9.81 -7.23 15.19
C SER A 165 10.12 -6.35 16.38
N PHE A 166 9.22 -6.33 17.36
CA PHE A 166 9.40 -5.49 18.53
C PHE A 166 10.48 -6.03 19.45
N TYR A 167 11.01 -7.20 19.12
CA TYR A 167 12.13 -7.78 19.86
C TYR A 167 13.44 -7.53 19.14
N ARG A 168 13.47 -6.49 18.30
CA ARG A 168 14.63 -6.23 17.44
C ARG A 168 15.04 -4.77 17.39
N ASP A 169 16.36 -4.55 17.41
CA ASP A 169 16.93 -3.21 17.26
C ASP A 169 16.75 -2.72 15.83
N GLN A 170 17.63 -3.20 14.95
CA GLN A 170 17.56 -2.92 13.54
C GLN A 170 16.41 -3.71 12.92
N PRO A 171 15.80 -3.19 11.85
CA PRO A 171 14.73 -3.91 11.13
C PRO A 171 15.06 -5.37 10.82
N HIS A 172 14.03 -6.20 10.73
CA HIS A 172 14.21 -7.60 10.36
C HIS A 172 14.92 -7.66 9.01
N PRO A 173 15.88 -8.58 8.88
CA PRO A 173 16.66 -8.77 7.64
C PRO A 173 15.81 -8.85 6.39
N PHE A 174 14.55 -9.23 6.55
CA PHE A 174 13.60 -9.23 5.43
C PHE A 174 13.29 -7.81 4.98
N ILE A 175 13.06 -6.91 5.95
CA ILE A 175 12.76 -5.52 5.62
C ILE A 175 13.92 -4.84 4.92
N THR A 176 15.13 -5.09 5.40
CA THR A 176 16.35 -4.53 4.82
C THR A 176 16.50 -4.91 3.35
N SER A 177 16.36 -6.20 3.07
CA SER A 177 16.49 -6.71 1.70
C SER A 177 15.33 -6.26 0.82
N MET A 178 14.14 -6.19 1.39
CA MET A 178 12.94 -5.81 0.65
C MET A 178 13.02 -4.37 0.13
N VAL A 179 13.42 -3.46 1.01
CA VAL A 179 13.53 -2.05 0.64
C VAL A 179 14.55 -1.84 -0.47
N ARG A 180 15.72 -2.45 -0.30
CA ARG A 180 16.77 -2.39 -1.31
C ARG A 180 16.27 -2.95 -2.65
N ALA A 181 15.60 -4.09 -2.58
CA ALA A 181 15.06 -4.73 -3.78
C ALA A 181 14.03 -3.83 -4.45
N LEU A 182 13.17 -3.22 -3.65
CA LEU A 182 12.13 -2.34 -4.18
C LEU A 182 12.71 -1.00 -4.62
N ASP A 183 13.74 -0.53 -3.94
CA ASP A 183 14.43 0.69 -4.34
C ASP A 183 15.10 0.52 -5.69
N GLU A 184 15.60 -0.69 -5.94
CA GLU A 184 16.25 -1.00 -7.21
C GLU A 184 15.25 -0.86 -8.35
N ALA A 185 14.10 -1.51 -8.22
CA ALA A 185 13.06 -1.48 -9.24
C ALA A 185 12.65 -0.05 -9.58
N MET A 186 12.50 0.78 -8.56
CA MET A 186 12.12 2.17 -8.77
C MET A 186 13.22 2.96 -9.47
N ASN A 187 14.44 2.81 -8.97
CA ASN A 187 15.59 3.55 -9.51
C ASN A 187 15.98 3.02 -10.88
N LYS A 188 15.63 1.77 -11.14
CA LYS A 188 15.94 1.14 -12.43
C LYS A 188 15.21 1.80 -13.60
N GLN A 189 14.09 2.46 -13.31
CA GLN A 189 13.29 3.14 -14.35
C GLN A 189 14.04 4.32 -14.97
N GLN A 190 15.18 4.70 -14.41
CA GLN A 190 15.89 5.88 -14.88
C GLN A 190 17.10 5.53 -15.75
N ARG A 191 17.26 4.24 -16.04
CA ARG A 191 18.50 3.79 -16.64
C ARG A 191 18.40 3.51 -18.13
N ALA A 192 18.88 4.45 -18.93
CA ALA A 192 19.22 4.13 -20.31
C ALA A 192 20.39 3.15 -20.23
N ASN A 193 20.33 2.10 -21.03
CA ASN A 193 21.28 0.98 -20.92
C ASN A 193 21.29 0.40 -19.50
N PRO A 194 20.20 -0.28 -19.10
CA PRO A 194 20.12 -0.85 -17.76
C PRO A 194 21.13 -1.98 -17.55
N ASP A 195 21.68 -2.49 -18.64
CA ASP A 195 22.62 -3.59 -18.59
C ASP A 195 24.07 -3.11 -18.72
N ASP A 196 24.26 -1.80 -18.62
CA ASP A 196 25.60 -1.24 -18.52
C ASP A 196 26.25 -1.79 -17.26
N PRO A 197 27.46 -2.36 -17.39
CA PRO A 197 28.18 -2.99 -16.28
C PRO A 197 28.40 -2.07 -15.07
N ALA A 198 28.08 -0.78 -15.22
CA ALA A 198 28.09 0.15 -14.11
C ALA A 198 27.03 -0.25 -13.09
N TYR A 199 26.03 -0.98 -13.57
CA TYR A 199 24.92 -1.40 -12.73
C TYR A 199 25.09 -2.84 -12.25
N ASP A 200 26.13 -3.51 -12.77
CA ASP A 200 26.43 -4.88 -12.37
C ASP A 200 26.57 -5.03 -10.85
N GLU A 201 26.88 -3.92 -10.18
CA GLU A 201 26.96 -3.89 -8.73
C GLU A 201 25.55 -3.87 -8.14
N ASN A 202 24.67 -3.08 -8.76
CA ASN A 202 23.27 -3.01 -8.37
C ASN A 202 22.56 -4.34 -8.60
N LYS A 203 23.01 -5.07 -9.62
CA LYS A 203 22.42 -6.37 -9.95
C LYS A 203 22.88 -7.44 -8.97
N ARG A 204 24.06 -7.24 -8.39
CA ARG A 204 24.64 -8.20 -7.46
C ARG A 204 23.99 -8.10 -6.09
N GLN A 205 23.71 -6.87 -5.65
CA GLN A 205 23.08 -6.66 -4.35
C GLN A 205 21.62 -7.08 -4.41
N PHE A 206 20.98 -6.84 -5.55
CA PHE A 206 19.61 -7.27 -5.77
C PHE A 206 19.48 -8.78 -5.65
N GLN A 207 20.47 -9.49 -6.20
CA GLN A 207 20.53 -10.95 -6.07
C GLN A 207 20.60 -11.37 -4.61
N GLU A 208 21.44 -10.68 -3.84
CA GLU A 208 21.60 -10.99 -2.42
C GLU A 208 20.33 -10.74 -1.65
N ASP A 209 19.70 -9.59 -1.90
CA ASP A 209 18.46 -9.22 -1.23
C ASP A 209 17.38 -10.27 -1.44
N ILE A 210 17.28 -10.78 -2.67
CA ILE A 210 16.29 -11.78 -3.00
C ILE A 210 16.62 -13.12 -2.34
N LYS A 211 17.92 -13.45 -2.28
CA LYS A 211 18.37 -14.65 -1.59
C LYS A 211 17.93 -14.64 -0.14
N VAL A 212 18.06 -13.49 0.51
CA VAL A 212 17.67 -13.33 1.91
C VAL A 212 16.17 -13.52 2.09
N MET A 213 15.39 -12.89 1.23
CA MET A 213 13.94 -12.94 1.32
C MET A 213 13.40 -14.36 1.12
N ASN A 214 13.99 -15.08 0.16
CA ASN A 214 13.60 -16.46 -0.10
C ASN A 214 14.05 -17.39 1.02
N ASP A 215 15.12 -17.01 1.71
CA ASP A 215 15.57 -17.78 2.87
C ASP A 215 14.56 -17.70 4.00
N LEU A 216 13.86 -16.56 4.07
CA LEU A 216 12.79 -16.37 5.04
C LEU A 216 11.56 -17.17 4.65
N VAL A 217 11.23 -17.15 3.36
CA VAL A 217 10.13 -17.94 2.84
C VAL A 217 10.37 -19.43 3.12
N ASP A 218 11.63 -19.85 3.00
CA ASP A 218 12.02 -21.21 3.33
C ASP A 218 11.69 -21.53 4.78
N LYS A 219 11.90 -20.56 5.66
CA LYS A 219 11.59 -20.72 7.08
C LYS A 219 10.09 -20.90 7.31
N ILE A 220 9.28 -20.10 6.62
CA ILE A 220 7.84 -20.12 6.80
C ILE A 220 7.23 -21.45 6.35
N ILE A 221 7.66 -21.93 5.17
CA ILE A 221 7.17 -23.20 4.65
C ILE A 221 7.61 -24.37 5.53
N ALA A 222 8.89 -24.36 5.92
CA ALA A 222 9.45 -25.45 6.72
C ALA A 222 8.78 -25.51 8.09
N ASP A 223 8.42 -24.35 8.63
CA ASP A 223 7.80 -24.30 9.95
C ASP A 223 6.33 -24.69 9.93
N ARG A 224 5.69 -24.56 8.78
CA ARG A 224 4.29 -24.95 8.66
C ARG A 224 4.15 -26.47 8.65
N LYS A 225 5.09 -27.14 7.98
CA LYS A 225 5.09 -28.59 7.92
C LYS A 225 5.68 -29.21 9.19
N ALA A 226 5.30 -28.67 10.34
CA ALA A 226 5.93 -29.04 11.60
C ALA A 226 5.10 -29.85 12.62
N SER A 227 3.84 -29.52 12.91
CA SER A 227 2.95 -28.58 12.21
C SER A 227 2.40 -27.58 13.26
N GLY A 228 1.45 -26.67 12.95
CA GLY A 228 0.88 -26.35 11.65
C GLY A 228 -0.39 -27.11 11.28
N GLU A 229 -1.30 -27.34 12.24
CA GLU A 229 -2.42 -28.26 12.00
C GLU A 229 -3.81 -27.59 11.86
N GLN A 230 -4.34 -26.99 12.94
CA GLN A 230 -5.69 -26.43 12.93
C GLN A 230 -5.80 -25.15 12.09
N SER A 231 -4.66 -24.69 11.58
CA SER A 231 -4.62 -23.43 10.83
C SER A 231 -5.48 -23.46 9.56
N ASP A 232 -6.30 -22.42 9.41
CA ASP A 232 -7.01 -22.19 8.16
C ASP A 232 -6.74 -20.75 7.72
N ASP A 233 -5.47 -20.40 7.62
CA ASP A 233 -5.08 -19.04 7.23
C ASP A 233 -4.62 -19.00 5.77
N LEU A 234 -4.10 -17.84 5.38
CA LEU A 234 -3.70 -17.58 4.00
C LEU A 234 -2.72 -18.61 3.45
N LEU A 235 -1.82 -19.09 4.31
CA LEU A 235 -0.83 -20.09 3.91
C LEU A 235 -1.46 -21.46 3.67
N THR A 236 -2.43 -21.81 4.50
CA THR A 236 -3.10 -23.11 4.41
C THR A 236 -3.78 -23.28 3.05
N HIS A 237 -4.42 -22.20 2.59
CA HIS A 237 -5.12 -22.23 1.31
C HIS A 237 -4.16 -22.24 0.13
N MET A 238 -2.95 -21.74 0.34
CA MET A 238 -1.94 -21.78 -0.70
C MET A 238 -1.49 -23.21 -0.94
N LEU A 239 -1.41 -23.98 0.13
CA LEU A 239 -0.87 -25.34 0.08
C LEU A 239 -1.92 -26.38 -0.32
N ASN A 240 -3.13 -26.22 0.22
CA ASN A 240 -4.17 -27.25 0.09
C ASN A 240 -5.31 -26.91 -0.86
N GLY A 241 -5.56 -25.62 -1.06
CA GLY A 241 -6.67 -25.17 -1.87
C GLY A 241 -6.47 -25.33 -3.37
N LYS A 242 -7.57 -25.53 -4.09
CA LYS A 242 -7.52 -25.70 -5.53
C LYS A 242 -8.45 -24.73 -6.26
N ASP A 243 -8.12 -24.42 -7.50
CA ASP A 243 -8.96 -23.57 -8.35
C ASP A 243 -10.13 -24.37 -8.91
N PRO A 244 -11.36 -23.93 -8.62
CA PRO A 244 -12.59 -24.59 -9.08
C PRO A 244 -12.60 -24.89 -10.58
N GLU A 245 -12.30 -23.88 -11.40
CA GLU A 245 -12.37 -24.01 -12.85
C GLU A 245 -11.42 -25.07 -13.39
N THR A 246 -10.26 -25.21 -12.77
CA THR A 246 -9.20 -26.06 -13.32
C THR A 246 -8.94 -27.32 -12.49
N GLY A 247 -9.32 -27.28 -11.22
CA GLY A 247 -9.07 -28.39 -10.33
C GLY A 247 -7.59 -28.53 -10.02
N GLU A 248 -6.86 -27.44 -10.18
CA GLU A 248 -5.42 -27.44 -9.95
C GLU A 248 -5.03 -26.52 -8.80
N PRO A 249 -4.11 -26.99 -7.94
CA PRO A 249 -3.51 -26.13 -6.92
C PRO A 249 -2.35 -25.34 -7.51
N LEU A 250 -1.72 -24.50 -6.70
CA LEU A 250 -0.58 -23.72 -7.17
C LEU A 250 0.68 -24.58 -7.25
N ASP A 251 1.65 -24.15 -8.04
CA ASP A 251 2.88 -24.89 -8.26
C ASP A 251 3.85 -24.75 -7.08
N ASP A 252 4.98 -25.44 -7.19
CA ASP A 252 6.10 -25.25 -6.27
C ASP A 252 6.57 -23.80 -6.30
N GLU A 253 6.55 -23.23 -7.50
CA GLU A 253 7.18 -21.96 -7.79
C GLU A 253 6.26 -20.78 -7.49
N ASN A 254 5.01 -20.87 -7.93
CA ASN A 254 4.06 -19.78 -7.77
C ASN A 254 3.68 -19.55 -6.31
N ILE A 255 3.68 -20.63 -5.52
CA ILE A 255 3.37 -20.52 -4.10
C ILE A 255 4.37 -19.59 -3.40
N ARG A 256 5.65 -19.78 -3.70
CA ARG A 256 6.70 -18.97 -3.10
C ARG A 256 6.52 -17.50 -3.46
N TYR A 257 6.04 -17.25 -4.68
CA TYR A 257 5.84 -15.90 -5.17
C TYR A 257 4.69 -15.21 -4.45
N GLN A 258 3.64 -15.97 -4.13
CA GLN A 258 2.49 -15.42 -3.43
C GLN A 258 2.85 -15.09 -1.98
N ILE A 259 3.76 -15.86 -1.41
CA ILE A 259 4.25 -15.60 -0.07
C ILE A 259 5.02 -14.29 -0.03
N ILE A 260 5.97 -14.15 -0.94
CA ILE A 260 6.72 -12.91 -1.10
C ILE A 260 5.76 -11.74 -1.33
N THR A 261 4.79 -11.97 -2.21
CA THR A 261 3.80 -10.94 -2.56
C THR A 261 3.06 -10.42 -1.34
N PHE A 262 2.48 -11.33 -0.56
CA PHE A 262 1.67 -10.93 0.58
C PHE A 262 2.49 -10.44 1.77
N LEU A 263 3.76 -10.83 1.82
CA LEU A 263 4.63 -10.34 2.88
C LEU A 263 4.99 -8.88 2.61
N ILE A 264 5.11 -8.53 1.34
CA ILE A 264 5.39 -7.17 0.94
C ILE A 264 4.11 -6.34 0.90
N ALA A 265 3.22 -6.71 -0.02
CA ALA A 265 1.98 -5.96 -0.26
C ALA A 265 1.11 -5.86 0.99
N GLY A 266 1.18 -6.89 1.84
CA GLY A 266 0.34 -6.95 3.02
C GLY A 266 0.83 -6.17 4.22
N HIS A 267 1.79 -5.28 4.04
CA HIS A 267 2.32 -4.49 5.16
C HIS A 267 2.90 -3.12 4.76
N VAL A 268 3.56 -3.05 3.61
CA VAL A 268 4.32 -1.85 3.26
C VAL A 268 3.44 -0.59 3.12
N THR A 269 2.27 -0.74 2.50
CA THR A 269 1.40 0.40 2.26
C THR A 269 0.57 0.74 3.49
N THR A 270 0.37 -0.25 4.36
CA THR A 270 -0.34 -0.05 5.61
C THR A 270 0.57 0.63 6.63
N SER A 271 1.86 0.35 6.53
CA SER A 271 2.87 1.03 7.35
C SER A 271 2.84 2.52 7.02
N GLY A 272 2.74 2.81 5.72
CA GLY A 272 2.70 4.19 5.25
C GLY A 272 1.41 4.89 5.63
N LEU A 273 0.29 4.18 5.57
CA LEU A 273 -1.01 4.77 5.89
C LEU A 273 -1.08 5.21 7.34
N LEU A 274 -0.68 4.33 8.25
CA LEU A 274 -0.69 4.64 9.67
C LEU A 274 0.29 5.78 10.00
N SER A 275 1.40 5.81 9.28
CA SER A 275 2.40 6.86 9.46
C SER A 275 1.87 8.20 8.99
N PHE A 276 1.21 8.21 7.85
CA PHE A 276 0.62 9.43 7.31
C PHE A 276 -0.56 9.91 8.16
N ALA A 277 -1.33 8.96 8.68
CA ALA A 277 -2.51 9.28 9.48
C ALA A 277 -2.14 9.97 10.79
N LEU A 278 -1.16 9.41 11.48
CA LEU A 278 -0.70 9.98 12.73
C LEU A 278 -0.02 11.32 12.51
N TYR A 279 0.63 11.47 11.35
CA TYR A 279 1.25 12.74 10.99
C TYR A 279 0.19 13.85 10.89
N PHE A 280 -0.90 13.57 10.20
CA PHE A 280 -1.95 14.56 10.01
C PHE A 280 -2.66 14.89 11.31
N LEU A 281 -2.77 13.90 12.19
CA LEU A 281 -3.46 14.09 13.46
C LEU A 281 -2.69 15.03 14.38
N VAL A 282 -1.37 14.92 14.39
CA VAL A 282 -0.56 15.80 15.23
C VAL A 282 -0.35 17.16 14.57
N LYS A 283 -0.77 17.27 13.30
CA LYS A 283 -0.71 18.54 12.59
C LYS A 283 -2.08 19.23 12.59
N ASN A 284 -3.09 18.48 13.01
CA ASN A 284 -4.44 19.03 13.16
C ASN A 284 -5.08 18.54 14.45
N PRO A 285 -4.61 19.06 15.59
CA PRO A 285 -4.95 18.59 16.93
C PRO A 285 -6.44 18.53 17.24
N HIS A 286 -7.23 19.41 16.62
CA HIS A 286 -8.68 19.39 16.83
C HIS A 286 -9.29 18.14 16.20
N VAL A 287 -8.74 17.74 15.06
CA VAL A 287 -9.14 16.50 14.42
C VAL A 287 -8.66 15.33 15.26
N LEU A 288 -7.45 15.46 15.80
CA LEU A 288 -6.88 14.50 16.72
C LEU A 288 -7.76 14.32 17.95
N GLN A 289 -8.23 15.44 18.49
CA GLN A 289 -9.10 15.45 19.66
C GLN A 289 -10.40 14.70 19.39
N LYS A 290 -11.09 15.08 18.32
CA LYS A 290 -12.35 14.47 17.92
C LYS A 290 -12.21 12.96 17.72
N ALA A 291 -11.09 12.56 17.10
CA ALA A 291 -10.81 11.16 16.84
C ALA A 291 -10.49 10.43 18.15
N ALA A 292 -9.66 11.04 18.98
CA ALA A 292 -9.29 10.43 20.26
C ALA A 292 -10.49 10.34 21.18
N GLU A 293 -11.44 11.25 21.00
CA GLU A 293 -12.68 11.24 21.79
C GLU A 293 -13.59 10.10 21.35
N GLU A 294 -13.60 9.78 20.06
CA GLU A 294 -14.37 8.65 19.56
C GLU A 294 -13.77 7.35 20.09
N ALA A 295 -12.44 7.31 20.16
CA ALA A 295 -11.72 6.13 20.63
C ALA A 295 -12.02 5.86 22.10
N ALA A 296 -12.03 6.92 22.91
CA ALA A 296 -12.33 6.80 24.32
C ALA A 296 -13.78 6.39 24.55
N ARG A 297 -14.65 6.74 23.60
CA ARG A 297 -16.08 6.50 23.72
C ARG A 297 -16.45 5.04 23.45
N VAL A 298 -15.84 4.46 22.41
CA VAL A 298 -16.21 3.13 21.94
C VAL A 298 -15.37 2.02 22.54
N LEU A 299 -14.05 2.24 22.62
CA LEU A 299 -13.14 1.25 23.16
C LEU A 299 -13.23 1.21 24.68
N VAL A 300 -14.19 0.44 25.19
CA VAL A 300 -14.49 0.41 26.62
C VAL A 300 -13.98 -0.84 27.32
N ASP A 301 -13.59 -1.84 26.54
CA ASP A 301 -12.98 -3.04 27.09
C ASP A 301 -11.45 -2.96 26.93
N PRO A 302 -10.70 -3.54 27.89
CA PRO A 302 -9.23 -3.51 27.93
C PRO A 302 -8.55 -3.78 26.58
N VAL A 303 -9.21 -4.56 25.72
CA VAL A 303 -8.79 -4.73 24.33
C VAL A 303 -10.01 -4.67 23.42
N PRO A 304 -9.86 -4.06 22.24
CA PRO A 304 -10.99 -3.88 21.32
C PRO A 304 -11.54 -5.19 20.76
N SER A 305 -12.86 -5.25 20.61
CA SER A 305 -13.51 -6.39 19.97
C SER A 305 -13.72 -6.07 18.50
N TYR A 306 -14.02 -7.10 17.71
CA TYR A 306 -14.24 -6.94 16.27
C TYR A 306 -15.40 -6.00 16.00
N LYS A 307 -16.42 -6.08 16.84
CA LYS A 307 -17.60 -5.23 16.73
C LYS A 307 -17.24 -3.75 16.97
N GLN A 308 -16.38 -3.52 17.95
CA GLN A 308 -15.99 -2.17 18.34
C GLN A 308 -15.17 -1.45 17.28
N VAL A 309 -14.31 -2.19 16.59
CA VAL A 309 -13.45 -1.60 15.57
C VAL A 309 -14.29 -1.07 14.40
N LYS A 310 -15.38 -1.77 14.11
CA LYS A 310 -16.27 -1.35 13.03
C LYS A 310 -17.25 -0.27 13.50
N GLN A 311 -17.10 0.16 14.74
CA GLN A 311 -17.91 1.24 15.28
C GLN A 311 -17.16 2.56 15.25
N LEU A 312 -15.83 2.48 15.07
CA LEU A 312 -14.99 3.66 14.98
C LEU A 312 -15.00 4.20 13.55
N LYS A 313 -16.06 4.90 13.17
CA LYS A 313 -16.21 5.35 11.80
C LYS A 313 -15.43 6.63 11.49
N TYR A 314 -15.18 7.45 12.51
CA TYR A 314 -14.39 8.66 12.30
C TYR A 314 -12.93 8.30 12.16
N VAL A 315 -12.48 7.34 12.96
CA VAL A 315 -11.14 6.78 12.82
C VAL A 315 -11.00 6.18 11.43
N GLY A 316 -12.06 5.55 10.95
CA GLY A 316 -12.11 5.04 9.59
C GLY A 316 -12.11 6.18 8.59
N MET A 317 -12.81 7.26 8.93
CA MET A 317 -12.82 8.46 8.12
C MET A 317 -11.44 9.11 8.08
N VAL A 318 -10.80 9.16 9.24
CA VAL A 318 -9.46 9.74 9.36
C VAL A 318 -8.48 9.02 8.43
N LEU A 319 -8.60 7.70 8.37
CA LEU A 319 -7.72 6.89 7.53
C LEU A 319 -7.99 7.10 6.04
N ASN A 320 -9.26 7.14 5.67
CA ASN A 320 -9.64 7.42 4.29
C ASN A 320 -9.10 8.76 3.81
N GLU A 321 -9.14 9.76 4.69
CA GLU A 321 -8.64 11.09 4.36
C GLU A 321 -7.12 11.09 4.24
N ALA A 322 -6.47 10.23 5.02
CA ALA A 322 -5.03 10.05 4.91
C ALA A 322 -4.69 9.32 3.62
N LEU A 323 -5.57 8.40 3.20
CA LEU A 323 -5.41 7.68 1.95
C LEU A 323 -5.72 8.58 0.76
N ARG A 324 -6.54 9.60 1.02
CA ARG A 324 -6.91 10.54 -0.02
C ARG A 324 -5.74 11.47 -0.37
N LEU A 325 -5.23 12.17 0.64
CA LEU A 325 -4.16 13.13 0.42
C LEU A 325 -2.88 12.46 -0.07
N TRP A 326 -2.54 11.32 0.53
CA TRP A 326 -1.33 10.60 0.14
C TRP A 326 -1.56 9.09 0.09
N PRO A 327 -2.16 8.60 -1.01
CA PRO A 327 -2.37 7.17 -1.22
C PRO A 327 -1.03 6.43 -1.28
N THR A 328 -0.77 5.61 -0.26
CA THR A 328 0.53 4.97 -0.09
C THR A 328 0.93 4.10 -1.28
N ALA A 329 -0.07 3.51 -1.95
CA ALA A 329 0.15 2.92 -3.26
C ALA A 329 -0.31 3.95 -4.29
N PRO A 330 0.62 4.81 -4.73
CA PRO A 330 0.29 6.06 -5.41
C PRO A 330 -0.12 5.95 -6.87
N ALA A 331 0.02 4.78 -7.49
CA ALA A 331 -0.32 4.66 -8.91
C ALA A 331 -0.55 3.23 -9.34
N PHE A 332 -1.38 3.07 -10.37
CA PHE A 332 -1.57 1.78 -11.02
C PHE A 332 -1.83 1.99 -12.51
N SER A 333 -1.37 1.04 -13.32
CA SER A 333 -1.39 1.20 -14.77
C SER A 333 -2.56 0.48 -15.44
N LEU A 334 -2.88 0.89 -16.66
CA LEU A 334 -3.96 0.30 -17.45
C LEU A 334 -3.59 0.25 -18.93
N TYR A 335 -4.30 -0.59 -19.69
CA TYR A 335 -4.16 -0.61 -21.14
C TYR A 335 -5.52 -0.82 -21.81
N ALA A 336 -5.72 -0.16 -22.94
CA ALA A 336 -6.97 -0.29 -23.68
C ALA A 336 -7.04 -1.65 -24.37
N LYS A 337 -8.07 -2.42 -24.01
CA LYS A 337 -8.25 -3.77 -24.55
C LYS A 337 -8.34 -3.75 -26.08
N GLU A 338 -8.98 -2.70 -26.60
CA GLU A 338 -9.08 -2.48 -28.04
C GLU A 338 -8.84 -1.02 -28.36
N ASP A 339 -8.91 -0.67 -29.64
CA ASP A 339 -8.86 0.72 -30.06
C ASP A 339 -10.05 1.48 -29.48
N THR A 340 -9.81 2.73 -29.06
CA THR A 340 -10.87 3.56 -28.50
C THR A 340 -10.46 5.03 -28.37
N VAL A 341 -11.36 5.84 -27.83
CA VAL A 341 -11.11 7.25 -27.57
C VAL A 341 -11.40 7.55 -26.11
N LEU A 342 -10.46 8.18 -25.43
CA LEU A 342 -10.61 8.46 -24.01
C LEU A 342 -11.11 9.87 -23.74
N GLY A 343 -12.15 9.98 -22.93
CA GLY A 343 -12.74 11.27 -22.60
C GLY A 343 -13.38 11.92 -23.80
N GLY A 344 -13.63 11.11 -24.83
CA GLY A 344 -14.20 11.60 -26.08
C GLY A 344 -13.31 12.59 -26.80
N GLU A 345 -12.01 12.62 -26.45
CA GLU A 345 -11.12 13.58 -27.09
C GLU A 345 -9.64 13.16 -27.10
N TYR A 346 -9.35 11.93 -26.71
CA TYR A 346 -7.99 11.42 -26.78
C TYR A 346 -7.97 9.99 -27.34
N PRO A 347 -7.66 9.86 -28.64
CA PRO A 347 -7.62 8.58 -29.33
C PRO A 347 -6.54 7.64 -28.80
N LEU A 348 -6.91 6.39 -28.55
CA LEU A 348 -5.97 5.40 -28.05
C LEU A 348 -5.87 4.21 -28.98
N GLU A 349 -4.64 3.80 -29.25
CA GLU A 349 -4.39 2.59 -30.02
C GLU A 349 -4.41 1.40 -29.07
N LYS A 350 -4.57 0.20 -29.62
CA LYS A 350 -4.54 -0.99 -28.77
C LYS A 350 -3.12 -1.21 -28.24
N GLY A 351 -3.01 -1.59 -26.97
CA GLY A 351 -1.73 -1.81 -26.35
C GLY A 351 -1.15 -0.57 -25.71
N ASP A 352 -1.93 0.51 -25.73
CA ASP A 352 -1.51 1.79 -25.16
C ASP A 352 -1.64 1.82 -23.65
N GLU A 353 -0.61 2.31 -22.98
CA GLU A 353 -0.52 2.26 -21.53
C GLU A 353 -0.99 3.54 -20.86
N LEU A 354 -1.73 3.39 -19.76
CA LEU A 354 -2.20 4.53 -18.98
C LEU A 354 -1.63 4.50 -17.56
N MET A 355 -1.64 5.65 -16.91
CA MET A 355 -1.23 5.73 -15.51
C MET A 355 -2.22 6.57 -14.71
N VAL A 356 -2.83 5.94 -13.71
CA VAL A 356 -3.75 6.64 -12.83
C VAL A 356 -3.00 7.32 -11.69
N LEU A 357 -2.70 8.60 -11.87
CA LEU A 357 -1.97 9.35 -10.86
C LEU A 357 -2.90 9.63 -9.68
N ILE A 358 -3.00 8.65 -8.77
CA ILE A 358 -3.96 8.68 -7.68
C ILE A 358 -3.89 9.91 -6.75
N PRO A 359 -2.68 10.39 -6.41
CA PRO A 359 -2.67 11.60 -5.58
C PRO A 359 -3.29 12.81 -6.28
N GLN A 360 -3.01 12.96 -7.57
CA GLN A 360 -3.58 14.07 -8.34
C GLN A 360 -5.07 13.88 -8.57
N LEU A 361 -5.50 12.63 -8.71
CA LEU A 361 -6.92 12.31 -8.83
C LEU A 361 -7.68 12.76 -7.60
N HIS A 362 -7.14 12.45 -6.43
CA HIS A 362 -7.76 12.80 -5.16
C HIS A 362 -7.69 14.29 -4.88
N ARG A 363 -7.12 15.04 -5.82
CA ARG A 363 -6.99 16.48 -5.69
C ARG A 363 -7.82 17.21 -6.75
N ASP A 364 -8.63 16.45 -7.46
CA ASP A 364 -9.52 17.01 -8.49
C ASP A 364 -10.51 17.97 -7.86
N LYS A 365 -10.35 19.26 -8.14
CA LYS A 365 -11.22 20.29 -7.58
C LYS A 365 -12.66 20.13 -8.05
N THR A 366 -12.83 19.39 -9.15
CA THR A 366 -14.15 19.11 -9.71
C THR A 366 -15.00 18.30 -8.73
N ILE A 367 -14.33 17.55 -7.85
CA ILE A 367 -15.03 16.61 -6.98
C ILE A 367 -15.01 17.01 -5.50
N TRP A 368 -13.89 17.55 -5.05
CA TRP A 368 -13.72 17.83 -3.62
C TRP A 368 -13.77 19.33 -3.31
N GLY A 369 -13.72 20.17 -4.33
CA GLY A 369 -13.73 21.60 -4.16
C GLY A 369 -12.34 22.19 -4.21
N ASP A 370 -12.21 23.47 -3.86
CA ASP A 370 -10.88 24.10 -3.78
C ASP A 370 -10.22 23.74 -2.45
N ASP A 371 -11.03 23.17 -1.56
CA ASP A 371 -10.62 22.80 -0.21
C ASP A 371 -9.65 21.61 -0.21
N VAL A 372 -9.15 21.27 -1.40
CA VAL A 372 -8.39 20.03 -1.63
C VAL A 372 -7.21 19.78 -0.70
N GLU A 373 -6.30 20.73 -0.59
CA GLU A 373 -5.02 20.48 0.08
C GLU A 373 -5.16 20.37 1.60
N GLU A 374 -6.34 20.69 2.11
CA GLU A 374 -6.57 20.65 3.55
C GLU A 374 -6.97 19.24 4.02
N PHE A 375 -6.75 18.98 5.31
CA PHE A 375 -7.06 17.69 5.90
C PHE A 375 -8.38 17.73 6.67
N ARG A 376 -9.45 17.29 6.02
CA ARG A 376 -10.76 17.24 6.67
C ARG A 376 -11.38 15.86 6.50
N PRO A 377 -11.35 15.06 7.56
CA PRO A 377 -11.98 13.73 7.54
C PRO A 377 -13.48 13.81 7.27
N GLU A 378 -14.08 14.97 7.52
CA GLU A 378 -15.53 15.14 7.38
C GLU A 378 -16.01 15.01 5.94
N ARG A 379 -15.09 14.85 4.99
CA ARG A 379 -15.44 14.64 3.60
C ARG A 379 -16.07 13.25 3.41
N PHE A 380 -15.74 12.33 4.30
CA PHE A 380 -16.17 10.94 4.17
C PHE A 380 -17.26 10.55 5.17
N GLU A 381 -18.03 11.53 5.64
CA GLU A 381 -19.12 11.22 6.56
C GLU A 381 -20.24 10.48 5.82
N ASN A 382 -20.40 10.82 4.55
CA ASN A 382 -21.37 10.13 3.70
C ASN A 382 -20.73 9.65 2.40
N PRO A 383 -20.34 8.36 2.36
CA PRO A 383 -19.65 7.74 1.23
C PRO A 383 -20.40 7.83 -0.09
N SER A 384 -21.73 7.75 -0.04
CA SER A 384 -22.54 7.76 -1.26
C SER A 384 -22.53 9.13 -1.95
N ALA A 385 -22.01 10.14 -1.25
CA ALA A 385 -21.91 11.48 -1.81
C ALA A 385 -20.64 11.63 -2.64
N ILE A 386 -19.93 10.52 -2.85
CA ILE A 386 -18.69 10.54 -3.62
C ILE A 386 -18.92 9.99 -5.03
N PRO A 387 -18.75 10.85 -6.04
CA PRO A 387 -18.88 10.46 -7.45
C PRO A 387 -17.80 9.45 -7.80
N GLN A 388 -17.99 8.21 -7.34
CA GLN A 388 -16.92 7.21 -7.27
C GLN A 388 -16.15 7.01 -8.57
N HIS A 389 -14.98 6.40 -8.41
CA HIS A 389 -13.83 6.47 -9.34
C HIS A 389 -13.11 7.78 -9.11
N ALA A 390 -13.53 8.50 -8.06
CA ALA A 390 -12.87 9.72 -7.64
C ALA A 390 -11.97 9.42 -6.44
N PHE A 391 -12.20 8.26 -5.82
CA PHE A 391 -11.43 7.85 -4.65
C PHE A 391 -11.07 6.37 -4.77
N LYS A 392 -9.88 6.10 -5.31
CA LYS A 392 -9.44 4.72 -5.52
C LYS A 392 -8.03 4.49 -4.99
N PRO A 393 -7.87 4.47 -3.67
CA PRO A 393 -6.54 4.20 -3.10
C PRO A 393 -6.21 2.71 -3.13
N PHE A 394 -7.18 1.89 -3.54
CA PHE A 394 -6.99 0.44 -3.57
C PHE A 394 -7.17 -0.12 -4.97
N GLY A 395 -7.06 0.74 -5.98
CA GLY A 395 -7.16 0.29 -7.36
C GLY A 395 -8.58 0.11 -7.83
N ASN A 396 -8.75 -0.69 -8.88
CA ASN A 396 -10.06 -0.85 -9.53
C ASN A 396 -10.32 -2.26 -10.05
N GLY A 397 -11.59 -2.61 -10.15
CA GLY A 397 -12.02 -3.83 -10.80
C GLY A 397 -11.65 -5.10 -10.07
N GLN A 398 -11.55 -6.20 -10.82
CA GLN A 398 -11.15 -7.48 -10.24
C GLN A 398 -9.67 -7.45 -9.87
N ARG A 399 -8.97 -6.42 -10.30
CA ARG A 399 -7.56 -6.23 -9.96
C ARG A 399 -7.38 -5.18 -8.87
N ALA A 400 -8.46 -4.90 -8.14
CA ALA A 400 -8.37 -4.01 -6.99
C ALA A 400 -7.72 -4.72 -5.82
N CYS A 401 -7.41 -3.99 -4.76
CA CYS A 401 -6.74 -4.57 -3.60
C CYS A 401 -7.57 -5.65 -2.92
N ILE A 402 -7.00 -6.86 -2.87
CA ILE A 402 -7.68 -7.99 -2.25
C ILE A 402 -7.59 -7.91 -0.72
N GLY A 403 -6.64 -7.12 -0.23
CA GLY A 403 -6.44 -7.00 1.20
C GLY A 403 -6.90 -5.67 1.75
N GLN A 404 -7.80 -5.01 1.01
CA GLN A 404 -8.33 -3.71 1.43
C GLN A 404 -8.98 -3.75 2.80
N GLN A 405 -9.86 -4.73 3.02
CA GLN A 405 -10.55 -4.86 4.29
C GLN A 405 -9.59 -5.32 5.38
N PHE A 406 -8.62 -6.13 5.00
CA PHE A 406 -7.58 -6.56 5.93
C PHE A 406 -6.79 -5.35 6.42
N ALA A 407 -6.45 -4.46 5.51
CA ALA A 407 -5.65 -3.29 5.84
C ALA A 407 -6.42 -2.32 6.73
N LEU A 408 -7.59 -1.88 6.26
CA LEU A 408 -8.38 -0.87 6.97
C LEU A 408 -8.80 -1.30 8.37
N HIS A 409 -9.11 -2.58 8.55
CA HIS A 409 -9.52 -3.08 9.86
C HIS A 409 -8.35 -3.05 10.83
N GLU A 410 -7.19 -3.49 10.35
CA GLU A 410 -5.96 -3.46 11.14
C GLU A 410 -5.57 -2.04 11.51
N ALA A 411 -5.63 -1.16 10.52
CA ALA A 411 -5.21 0.23 10.70
C ALA A 411 -6.13 0.96 11.67
N THR A 412 -7.44 0.77 11.51
CA THR A 412 -8.42 1.40 12.39
C THR A 412 -8.26 0.91 13.82
N LEU A 413 -8.01 -0.39 13.96
CA LEU A 413 -7.79 -1.01 15.27
C LEU A 413 -6.59 -0.40 15.97
N VAL A 414 -5.45 -0.41 15.30
CA VAL A 414 -4.21 0.10 15.87
C VAL A 414 -4.29 1.60 16.15
N LEU A 415 -4.78 2.35 15.18
CA LEU A 415 -4.97 3.79 15.34
C LEU A 415 -5.93 4.08 16.49
N GLY A 416 -6.93 3.22 16.64
CA GLY A 416 -7.89 3.37 17.72
C GLY A 416 -7.26 3.17 19.07
N MET A 417 -6.51 2.08 19.21
CA MET A 417 -5.81 1.77 20.45
C MET A 417 -4.77 2.84 20.79
N MET A 418 -4.21 3.44 19.76
CA MET A 418 -3.22 4.50 19.94
C MET A 418 -3.84 5.75 20.57
N LEU A 419 -5.02 6.12 20.09
CA LEU A 419 -5.70 7.32 20.56
C LEU A 419 -6.26 7.13 21.97
N LYS A 420 -6.67 5.91 22.29
CA LYS A 420 -7.22 5.59 23.60
C LYS A 420 -6.14 5.64 24.69
N HIS A 421 -4.92 5.30 24.32
CA HIS A 421 -3.87 5.06 25.32
C HIS A 421 -2.80 6.14 25.40
N PHE A 422 -2.72 7.01 24.40
CA PHE A 422 -1.68 8.03 24.39
C PHE A 422 -2.13 9.40 23.87
N ASP A 423 -1.46 10.44 24.36
CA ASP A 423 -1.51 11.74 23.73
C ASP A 423 -0.21 11.92 22.94
N PHE A 424 -0.22 12.80 21.94
CA PHE A 424 0.93 12.92 21.06
C PHE A 424 1.34 14.37 20.86
N GLU A 425 2.64 14.63 20.93
CA GLU A 425 3.17 15.96 20.67
C GLU A 425 4.17 15.93 19.51
N ASP A 426 4.00 16.87 18.58
CA ASP A 426 4.94 17.04 17.47
C ASP A 426 6.28 17.52 18.03
N HIS A 427 7.04 16.58 18.59
CA HIS A 427 8.20 16.91 19.41
C HIS A 427 9.30 17.66 18.66
N THR A 428 9.38 17.46 17.35
CA THR A 428 10.44 18.09 16.58
C THR A 428 9.91 19.06 15.51
N ASN A 429 8.61 19.30 15.55
CA ASN A 429 7.94 20.13 14.53
C ASN A 429 8.32 19.66 13.13
N TYR A 430 7.90 18.44 12.82
CA TYR A 430 8.29 17.74 11.61
C TYR A 430 7.71 18.35 10.33
N GLU A 431 8.59 18.80 9.45
CA GLU A 431 8.18 19.14 8.10
C GLU A 431 8.10 17.87 7.23
N LEU A 432 6.96 17.69 6.57
CA LEU A 432 6.66 16.46 5.83
C LEU A 432 7.73 16.15 4.79
N ASP A 433 8.32 14.97 4.87
CA ASP A 433 9.34 14.53 3.93
C ASP A 433 9.04 13.12 3.45
N ILE A 434 8.41 13.01 2.28
CA ILE A 434 7.95 11.73 1.77
C ILE A 434 9.03 10.97 1.00
N LYS A 435 9.40 9.79 1.51
CA LYS A 435 10.35 8.93 0.82
C LYS A 435 9.63 8.00 -0.13
N GLU A 436 10.14 7.87 -1.34
CA GLU A 436 9.52 7.01 -2.33
C GLU A 436 10.30 5.71 -2.50
N THR A 437 9.56 4.61 -2.57
CA THR A 437 10.11 3.28 -2.82
C THR A 437 9.08 2.55 -3.65
N LEU A 438 8.68 3.19 -4.75
CA LEU A 438 7.42 2.93 -5.45
C LEU A 438 6.26 3.38 -4.58
N THR A 439 6.19 2.83 -3.36
CA THR A 439 5.19 3.22 -2.38
C THR A 439 5.58 4.51 -1.64
N LEU A 440 4.60 5.12 -0.97
CA LEU A 440 4.83 6.38 -0.25
C LEU A 440 4.91 6.18 1.25
N LYS A 441 5.75 6.97 1.90
CA LYS A 441 5.92 6.90 3.35
C LYS A 441 6.69 8.13 3.84
N PRO A 442 6.19 8.76 4.92
CA PRO A 442 6.93 9.89 5.50
C PRO A 442 8.22 9.42 6.14
N GLU A 443 9.30 10.18 5.99
CA GLU A 443 10.60 9.76 6.48
C GLU A 443 11.11 10.63 7.62
N GLY A 444 11.72 9.98 8.61
CA GLY A 444 12.32 10.70 9.73
C GLY A 444 11.31 11.34 10.66
N PHE A 445 10.05 10.95 10.50
CA PHE A 445 8.97 11.49 11.31
C PHE A 445 8.94 10.87 12.70
N VAL A 446 9.32 11.66 13.70
CA VAL A 446 9.33 11.17 15.08
C VAL A 446 8.31 11.92 15.92
N VAL A 447 7.84 11.26 16.98
CA VAL A 447 6.90 11.87 17.92
C VAL A 447 7.26 11.53 19.36
N LYS A 448 6.61 12.24 20.28
CA LYS A 448 6.66 11.89 21.70
C LYS A 448 5.27 11.46 22.15
N ALA A 449 5.20 10.43 22.98
CA ALA A 449 3.91 9.94 23.44
C ALA A 449 3.81 9.97 24.96
N LYS A 450 2.75 10.60 25.46
CA LYS A 450 2.48 10.62 26.89
C LYS A 450 1.33 9.66 27.17
N SER A 451 1.55 8.75 28.12
CA SER A 451 0.58 7.69 28.42
C SER A 451 -0.60 8.20 29.24
N LYS A 452 -1.81 7.85 28.80
CA LYS A 452 -3.03 8.27 29.48
C LYS A 452 -3.33 7.35 30.68
N LYS A 453 -2.38 6.50 31.02
CA LYS A 453 -2.46 5.60 32.18
C LYS A 453 -3.65 4.64 32.13
N ILE A 454 -4.07 4.27 30.91
CA ILE A 454 -5.12 3.27 30.74
C ILE A 454 -4.51 1.91 30.42
N PRO A 455 -4.60 0.96 31.36
CA PRO A 455 -3.96 -0.36 31.21
C PRO A 455 -4.64 -1.26 30.18
N LEU A 456 -4.01 -2.40 29.89
CA LEU A 456 -4.53 -3.37 28.94
C LEU A 456 -4.90 -4.67 29.63
N GLY A 457 -4.87 -5.77 28.89
CA GLY A 457 -5.15 -7.08 29.45
C GLY A 457 -5.69 -8.09 28.43
N GLY A 458 -4.79 -8.90 27.89
CA GLY A 458 -5.17 -9.92 26.94
C GLY A 458 -4.42 -11.22 27.20
N ILE A 459 -4.20 -12.02 26.16
CA ILE A 459 -4.68 -11.71 24.81
C ILE A 459 -5.41 -12.90 24.22
N PRO A 460 -6.57 -12.65 23.58
CA PRO A 460 -7.22 -13.74 22.85
C PRO A 460 -6.40 -14.17 21.63
N SER A 461 -5.98 -15.43 21.62
CA SER A 461 -5.15 -15.98 20.54
C SER A 461 -3.86 -15.18 20.34
CHA HEM B . -3.61 -4.56 -5.18
CHB HEM B . -3.25 -0.48 -2.57
CHC HEM B . -2.95 -3.11 1.50
CHD HEM B . -2.50 -7.14 -1.17
C1A HEM B . -3.56 -3.21 -4.86
C2A HEM B . -3.69 -2.08 -5.76
C3A HEM B . -3.59 -0.96 -5.04
C4A HEM B . -3.39 -1.34 -3.65
CMA HEM B . -3.66 0.47 -5.63
CAA HEM B . -3.90 -2.14 -7.29
CBA HEM B . -2.56 -2.40 -7.96
CGA HEM B . -2.72 -2.26 -9.45
O1A HEM B . -1.70 -2.24 -10.18
O2A HEM B . -3.90 -2.15 -9.89
C1B HEM B . -3.18 -0.84 -1.23
C2B HEM B . -3.19 0.08 -0.10
C3B HEM B . -3.11 -0.64 1.03
C4B HEM B . -3.05 -2.03 0.64
CMB HEM B . -3.29 1.61 -0.26
CAB HEM B . -3.09 -0.18 2.51
CBB HEM B . -3.32 1.07 2.93
C1C HEM B . -2.85 -4.43 1.11
C2C HEM B . -2.90 -5.56 2.01
C3C HEM B . -2.78 -6.69 1.29
C4C HEM B . -2.65 -6.29 -0.11
CMC HEM B . -3.06 -5.40 3.53
CAC HEM B . -2.77 -8.16 1.74
CBC HEM B . -2.93 -8.59 3.00
C1D HEM B . -2.77 -6.85 -2.49
C2D HEM B . -2.79 -7.82 -3.56
C3D HEM B . -3.14 -6.99 -4.81
C4D HEM B . -3.30 -5.62 -4.36
CMD HEM B . -2.50 -9.32 -3.45
CAD HEM B . -3.30 -7.48 -6.27
CBD HEM B . -4.42 -8.52 -6.34
CGD HEM B . -4.86 -8.75 -7.76
O1D HEM B . -5.34 -9.88 -8.06
O2D HEM B . -4.73 -7.83 -8.60
NA HEM B . -3.39 -2.72 -3.58
NB HEM B . -3.08 -2.12 -0.74
NC HEM B . -2.70 -4.90 -0.17
ND HEM B . -3.07 -5.59 -3.00
FE HEM B . -3.01 -3.86 -1.88
C1 PLM C . 6.98 5.78 -11.41
O1 PLM C . 5.85 5.52 -11.90
O2 PLM C . 7.82 6.64 -11.78
C2 PLM C . 7.37 4.91 -10.15
C3 PLM C . 6.56 5.17 -8.87
C4 PLM C . 5.11 4.64 -8.90
C5 PLM C . 4.97 3.24 -9.52
C6 PLM C . 3.78 2.41 -8.97
C7 PLM C . 3.88 2.12 -7.47
C8 PLM C . 2.55 1.68 -6.83
C9 PLM C . 2.72 0.65 -5.71
CA PLM C . 3.34 -0.68 -6.18
CB PLM C . 4.39 -1.24 -5.21
CC PLM C . 4.04 -2.62 -4.64
CD PLM C . 4.65 -3.79 -5.42
CE PLM C . 5.03 -4.98 -4.53
CF PLM C . 4.31 -6.28 -4.89
CG PLM C . 4.82 -7.49 -4.10
C1 EDO D . 1.20 -3.09 -2.37
O1 EDO D . 0.25 -3.34 -1.33
C2 EDO D . 0.60 -3.48 -3.70
O2 EDO D . -0.54 -2.66 -3.97
NI NI E . -6.18 1.66 -34.82
NI NI F . 14.09 15.32 21.96
NI NI G . 18.38 -19.62 0.28
NI NI H . -10.81 -22.50 4.14
#